data_7F7J
#
_entry.id   7F7J
#
_cell.length_a   77.612
_cell.length_b   77.612
_cell.length_c   451.986
_cell.angle_alpha   90.000
_cell.angle_beta   90.000
_cell.angle_gamma   120.000
#
_symmetry.space_group_name_H-M   'P 61 2 2'
#
loop_
_entity.id
_entity.type
_entity.pdbx_description
1 polymer AKR4-2
2 non-polymer 'COBALT (II) ION'
3 non-polymer 'SULFATE ION'
4 water water
#
_entity_poly.entity_id   1
_entity_poly.type   'polypeptide(L)'
_entity_poly.pdbx_seq_one_letter_code
;GAGAGAGAGAGMARHFVLNTGAKIPSVGLGTWQSDPGVVGDAVYTAVKAGYRHIDCAKVYGNEKEIGLALKKLFEEGVVK
REDLFITSKLWNDRHAPEDVPEALNESLTDLQLDYLDLYLIHWPFRVKKGTNTSPENFITPDIPATWGAMEKCYDAGKAR
AIGVSNFSSKKLGDLLAVARVHPAVDQVECHPGWQQTKLHNFCQSTGVHLTAYSPLGSPGTTWMNGNVLKEPVIISIAEK
LGKTPAQVALRWNIQMGHSVLPKSTNEERIKQNLDVYDWSIPDDLLAKFSEIKQARLLRGNFIVNPQSVYKTHEELWDGE
L
;
_entity_poly.pdbx_strand_id   A,B
#
loop_
_chem_comp.id
_chem_comp.type
_chem_comp.name
_chem_comp.formula
CO non-polymer 'COBALT (II) ION' 'Co 2'
SO4 non-polymer 'SULFATE ION' 'O4 S -2'
#
# COMPACT_ATOMS: atom_id res chain seq x y z
N ALA A 13 -6.57 -31.46 24.45
CA ALA A 13 -6.04 -30.59 23.40
C ALA A 13 -6.99 -29.43 23.12
N ARG A 14 -6.49 -28.21 23.28
CA ARG A 14 -7.19 -26.96 23.02
C ARG A 14 -6.28 -25.79 23.40
N HIS A 15 -5.22 -26.09 24.15
CA HIS A 15 -4.27 -25.09 24.61
C HIS A 15 -2.87 -25.69 24.60
N PHE A 16 -1.88 -24.83 24.49
CA PHE A 16 -0.50 -25.18 24.79
C PHE A 16 -0.05 -24.30 25.94
N VAL A 17 0.95 -24.75 26.69
CA VAL A 17 1.42 -24.01 27.87
C VAL A 17 2.74 -23.35 27.52
N LEU A 18 2.82 -22.04 27.75
CA LEU A 18 4.00 -21.26 27.48
C LEU A 18 5.00 -21.45 28.62
N ASN A 19 6.25 -21.03 28.39
CA ASN A 19 7.25 -21.14 29.46
C ASN A 19 7.00 -20.18 30.61
N THR A 20 6.04 -19.26 30.47
CA THR A 20 5.58 -18.43 31.59
C THR A 20 4.58 -19.15 32.48
N GLY A 21 4.07 -20.31 32.06
CA GLY A 21 2.95 -20.95 32.69
C GLY A 21 1.60 -20.65 32.07
N ALA A 22 1.51 -19.61 31.24
CA ALA A 22 0.21 -19.24 30.67
C ALA A 22 -0.17 -20.18 29.52
N LYS A 23 -1.49 -20.33 29.33
CA LYS A 23 -2.04 -21.17 28.26
C LYS A 23 -2.32 -20.33 27.02
N ILE A 24 -1.85 -20.80 25.86
CA ILE A 24 -2.16 -20.17 24.59
C ILE A 24 -3.16 -21.06 23.85
N PRO A 25 -4.32 -20.54 23.47
CA PRO A 25 -5.27 -21.37 22.73
C PRO A 25 -4.66 -21.81 21.41
N SER A 26 -4.88 -23.08 21.06
CA SER A 26 -4.12 -23.62 19.95
C SER A 26 -4.58 -23.08 18.60
N VAL A 27 -5.81 -22.57 18.49
CA VAL A 27 -6.27 -21.90 17.28
C VAL A 27 -6.48 -20.43 17.61
N GLY A 28 -5.88 -19.55 16.81
CA GLY A 28 -6.17 -18.14 16.88
C GLY A 28 -6.58 -17.62 15.52
N LEU A 29 -7.21 -16.46 15.52
CA LEU A 29 -7.57 -15.79 14.27
C LEU A 29 -6.41 -14.95 13.78
N GLY A 30 -5.85 -15.31 12.62
CA GLY A 30 -4.84 -14.46 12.00
C GLY A 30 -5.50 -13.27 11.34
N THR A 31 -4.94 -12.09 11.56
CA THR A 31 -5.45 -10.86 10.96
C THR A 31 -4.43 -10.33 9.96
N TRP A 32 -4.87 -9.35 9.16
CA TRP A 32 -4.03 -8.76 8.11
C TRP A 32 -4.63 -7.41 7.76
N GLN A 33 -3.99 -6.71 6.81
CA GLN A 33 -4.44 -5.39 6.40
C GLN A 33 -5.58 -5.52 5.38
N SER A 34 -6.77 -5.06 5.74
CA SER A 34 -7.93 -5.23 4.86
C SER A 34 -8.74 -3.94 4.81
N ASP A 35 -9.83 -4.01 4.04
CA ASP A 35 -10.72 -2.87 3.92
C ASP A 35 -11.44 -2.63 5.26
N PRO A 36 -11.83 -1.39 5.53
CA PRO A 36 -12.48 -1.09 6.82
C PRO A 36 -13.62 -2.05 7.10
N GLY A 37 -13.70 -2.49 8.36
CA GLY A 37 -14.77 -3.33 8.82
C GLY A 37 -14.54 -4.82 8.61
N VAL A 38 -13.70 -5.19 7.65
CA VAL A 38 -13.54 -6.60 7.31
C VAL A 38 -12.95 -7.37 8.50
N VAL A 39 -11.89 -6.85 9.12
CA VAL A 39 -11.25 -7.58 10.21
C VAL A 39 -12.07 -7.49 11.49
N GLY A 40 -12.63 -6.31 11.79
CA GLY A 40 -13.50 -6.19 12.95
C GLY A 40 -14.65 -7.18 12.93
N ASP A 41 -15.27 -7.36 11.75
CA ASP A 41 -16.38 -8.31 11.65
C ASP A 41 -15.89 -9.74 11.83
N ALA A 42 -14.70 -10.05 11.30
CA ALA A 42 -14.14 -11.39 11.45
C ALA A 42 -13.84 -11.69 12.91
N VAL A 43 -13.26 -10.72 13.63
CA VAL A 43 -12.95 -10.94 15.04
C VAL A 43 -14.22 -11.22 15.83
N TYR A 44 -15.26 -10.42 15.59
CA TYR A 44 -16.54 -10.64 16.26
C TYR A 44 -17.10 -12.02 15.92
N THR A 45 -17.08 -12.37 14.64
CA THR A 45 -17.61 -13.65 14.22
C THR A 45 -16.82 -14.80 14.82
N ALA A 46 -15.49 -14.68 14.80
CA ALA A 46 -14.64 -15.75 15.31
C ALA A 46 -14.85 -15.97 16.80
N VAL A 47 -14.88 -14.89 17.60
CA VAL A 47 -15.02 -15.10 19.04
C VAL A 47 -16.41 -15.67 19.34
N LYS A 48 -17.44 -15.18 18.67
CA LYS A 48 -18.77 -15.77 18.81
C LYS A 48 -18.75 -17.26 18.50
N ALA A 49 -17.98 -17.64 17.47
CA ALA A 49 -17.88 -19.04 17.07
C ALA A 49 -17.08 -19.88 18.04
N GLY A 50 -16.30 -19.26 18.92
CA GLY A 50 -15.54 -20.02 19.90
C GLY A 50 -14.06 -19.72 19.93
N TYR A 51 -13.57 -18.86 19.04
CA TYR A 51 -12.16 -18.49 19.09
C TYR A 51 -11.87 -17.75 20.39
N ARG A 52 -10.69 -18.01 20.98
CA ARG A 52 -10.29 -17.34 22.20
C ARG A 52 -8.90 -16.71 22.07
N HIS A 53 -8.44 -16.49 20.84
CA HIS A 53 -7.07 -16.10 20.54
C HIS A 53 -7.15 -15.25 19.29
N ILE A 54 -6.68 -14.01 19.37
CA ILE A 54 -6.69 -13.06 18.26
C ILE A 54 -5.27 -12.55 18.07
N ASP A 55 -4.71 -12.72 16.87
CA ASP A 55 -3.34 -12.30 16.58
C ASP A 55 -3.35 -11.04 15.73
N CYS A 56 -2.72 -9.97 16.23
CA CYS A 56 -2.74 -8.64 15.65
C CYS A 56 -1.31 -8.21 15.34
N ALA A 57 -1.19 -7.11 14.59
CA ALA A 57 0.11 -6.47 14.44
C ALA A 57 -0.12 -5.01 14.17
N LYS A 58 0.71 -4.16 14.79
CA LYS A 58 0.61 -2.73 14.58
C LYS A 58 0.80 -2.36 13.10
N VAL A 59 1.63 -3.10 12.38
CA VAL A 59 1.91 -2.72 11.00
C VAL A 59 0.69 -2.91 10.10
N TYR A 60 -0.33 -3.63 10.55
CA TYR A 60 -1.55 -3.75 9.77
C TYR A 60 -2.47 -2.53 9.90
N GLY A 61 -2.21 -1.63 10.86
CA GLY A 61 -2.99 -0.42 11.02
C GLY A 61 -4.36 -0.59 11.61
N ASN A 62 -4.82 -1.83 11.84
CA ASN A 62 -6.22 -2.07 12.15
C ASN A 62 -6.46 -2.40 13.62
N GLU A 63 -5.55 -1.99 14.52
CA GLU A 63 -5.75 -2.31 15.92
C GLU A 63 -6.95 -1.55 16.52
N LYS A 64 -7.17 -0.30 16.09
CA LYS A 64 -8.36 0.43 16.54
C LYS A 64 -9.63 -0.33 16.16
N GLU A 65 -9.71 -0.79 14.93
CA GLU A 65 -10.89 -1.54 14.49
C GLU A 65 -11.04 -2.84 15.28
N ILE A 66 -9.93 -3.54 15.51
CA ILE A 66 -10.02 -4.76 16.31
C ILE A 66 -10.45 -4.42 17.73
N GLY A 67 -9.92 -3.31 18.26
CA GLY A 67 -10.29 -2.92 19.61
C GLY A 67 -11.78 -2.64 19.75
N LEU A 68 -12.40 -2.08 18.71
CA LEU A 68 -13.85 -1.83 18.79
C LEU A 68 -14.63 -3.14 18.81
N ALA A 69 -14.15 -4.14 18.06
CA ALA A 69 -14.80 -5.44 18.06
C ALA A 69 -14.65 -6.15 19.39
N LEU A 70 -13.47 -6.09 20.01
CA LEU A 70 -13.31 -6.65 21.33
C LEU A 70 -14.22 -5.96 22.34
N LYS A 71 -14.32 -4.63 22.25
CA LYS A 71 -15.19 -3.90 23.15
C LYS A 71 -16.64 -4.34 22.97
N LYS A 72 -17.06 -4.58 21.73
CA LYS A 72 -18.41 -5.06 21.46
C LYS A 72 -18.65 -6.43 22.06
N LEU A 73 -17.69 -7.34 21.92
CA LEU A 73 -17.84 -8.66 22.51
C LEU A 73 -17.91 -8.58 24.02
N PHE A 74 -17.09 -7.72 24.63
CA PHE A 74 -17.11 -7.59 26.08
C PHE A 74 -18.45 -7.04 26.56
N GLU A 75 -18.95 -6.01 25.86
CA GLU A 75 -20.19 -5.35 26.29
C GLU A 75 -21.40 -6.27 26.10
N GLU A 76 -21.40 -7.10 25.07
CA GLU A 76 -22.45 -8.09 24.90
C GLU A 76 -22.29 -9.28 25.83
N GLY A 77 -21.20 -9.36 26.59
CA GLY A 77 -20.99 -10.49 27.46
C GLY A 77 -20.64 -11.80 26.77
N VAL A 78 -20.23 -11.76 25.51
CA VAL A 78 -19.81 -12.99 24.83
C VAL A 78 -18.63 -13.62 25.55
N VAL A 79 -17.68 -12.79 25.98
CA VAL A 79 -16.49 -13.22 26.68
C VAL A 79 -16.08 -12.11 27.62
N LYS A 80 -15.21 -12.44 28.56
CA LYS A 80 -14.50 -11.46 29.37
C LYS A 80 -13.06 -11.33 28.88
N ARG A 81 -12.42 -10.22 29.25
CA ARG A 81 -11.04 -9.99 28.85
C ARG A 81 -10.15 -11.18 29.15
N GLU A 82 -10.23 -11.72 30.38
CA GLU A 82 -9.33 -12.81 30.73
C GLU A 82 -9.62 -14.11 29.98
N ASP A 83 -10.74 -14.19 29.24
CA ASP A 83 -11.00 -15.36 28.40
C ASP A 83 -10.21 -15.35 27.10
N LEU A 84 -9.69 -14.20 26.69
CA LEU A 84 -9.06 -14.04 25.39
C LEU A 84 -7.55 -13.92 25.53
N PHE A 85 -6.86 -14.40 24.49
CA PHE A 85 -5.42 -14.29 24.34
C PHE A 85 -5.18 -13.34 23.17
N ILE A 86 -4.68 -12.14 23.46
CA ILE A 86 -4.51 -11.10 22.46
C ILE A 86 -3.02 -10.88 22.24
N THR A 87 -2.58 -11.02 20.98
CA THR A 87 -1.20 -10.79 20.58
C THR A 87 -1.11 -9.56 19.68
N SER A 88 -0.06 -8.76 19.87
CA SER A 88 0.33 -7.80 18.84
C SER A 88 1.85 -7.81 18.75
N LYS A 89 2.39 -6.92 17.92
CA LYS A 89 3.78 -7.05 17.51
C LYS A 89 4.44 -5.69 17.34
N LEU A 90 5.72 -5.63 17.69
CA LEU A 90 6.55 -4.44 17.55
C LEU A 90 7.11 -4.36 16.14
N TRP A 91 6.79 -3.28 15.41
CA TRP A 91 7.22 -3.18 14.02
C TRP A 91 8.68 -2.71 13.95
N ASN A 92 9.26 -2.86 12.75
CA ASN A 92 10.71 -2.71 12.57
C ASN A 92 11.24 -1.31 12.88
N ASP A 93 10.40 -0.29 12.87
CA ASP A 93 10.89 1.06 13.12
C ASP A 93 10.89 1.42 14.59
N ARG A 94 10.48 0.51 15.48
CA ARG A 94 10.37 0.83 16.89
C ARG A 94 11.35 0.00 17.71
N HIS A 95 12.45 -0.45 17.10
CA HIS A 95 13.40 -1.31 17.79
C HIS A 95 14.24 -0.56 18.84
N ALA A 96 14.38 0.76 18.72
CA ALA A 96 15.19 1.48 19.70
C ALA A 96 14.61 1.29 21.09
N PRO A 97 15.44 1.08 22.11
CA PRO A 97 14.90 0.73 23.44
C PRO A 97 13.90 1.73 23.98
N GLU A 98 14.13 3.02 23.75
CA GLU A 98 13.19 4.03 24.24
C GLU A 98 11.88 4.01 23.48
N ASP A 99 11.88 3.48 22.25
CA ASP A 99 10.67 3.44 21.44
C ASP A 99 9.78 2.25 21.70
N VAL A 100 10.34 1.16 22.23
CA VAL A 100 9.59 -0.08 22.46
C VAL A 100 8.38 0.12 23.36
N PRO A 101 8.51 0.66 24.58
CA PRO A 101 7.32 0.77 25.45
C PRO A 101 6.29 1.74 24.89
N GLU A 102 6.74 2.76 24.17
CA GLU A 102 5.81 3.70 23.56
C GLU A 102 4.98 3.04 22.47
N ALA A 103 5.61 2.19 21.65
CA ALA A 103 4.88 1.45 20.64
C ALA A 103 3.87 0.49 21.26
N LEU A 104 4.28 -0.21 22.32
CA LEU A 104 3.34 -1.08 23.04
C LEU A 104 2.16 -0.29 23.60
N ASN A 105 2.43 0.89 24.17
CA ASN A 105 1.33 1.68 24.71
C ASN A 105 0.39 2.17 23.61
N GLU A 106 0.92 2.42 22.41
CA GLU A 106 0.04 2.79 21.30
C GLU A 106 -0.84 1.61 20.87
N SER A 107 -0.27 0.40 20.77
CA SER A 107 -1.08 -0.78 20.47
C SER A 107 -2.14 -1.02 21.54
N LEU A 108 -1.76 -0.88 22.81
CA LEU A 108 -2.73 -1.05 23.89
C LEU A 108 -3.82 0.01 23.82
N THR A 109 -3.44 1.26 23.57
CA THR A 109 -4.43 2.32 23.45
C THR A 109 -5.43 2.01 22.36
N ASP A 110 -4.94 1.60 21.18
CA ASP A 110 -5.82 1.35 20.05
C ASP A 110 -6.69 0.12 20.27
N LEU A 111 -6.13 -0.94 20.88
CA LEU A 111 -6.93 -2.12 21.20
C LEU A 111 -7.84 -1.90 22.40
N GLN A 112 -7.70 -0.77 23.09
CA GLN A 112 -8.43 -0.46 24.33
C GLN A 112 -8.26 -1.56 25.36
N LEU A 113 -7.02 -2.02 25.52
CA LEU A 113 -6.67 -3.05 26.49
C LEU A 113 -5.68 -2.49 27.50
N ASP A 114 -5.65 -3.12 28.68
CA ASP A 114 -4.66 -2.79 29.70
C ASP A 114 -3.37 -3.59 29.57
N TYR A 115 -3.45 -4.76 28.93
CA TYR A 115 -2.28 -5.60 28.76
C TYR A 115 -2.49 -6.42 27.51
N LEU A 116 -1.38 -6.85 26.92
CA LEU A 116 -1.40 -7.90 25.90
C LEU A 116 -1.02 -9.24 26.53
N ASP A 117 -1.60 -10.30 26.00
CA ASP A 117 -1.14 -11.62 26.41
C ASP A 117 0.21 -11.98 25.82
N LEU A 118 0.58 -11.36 24.70
CA LEU A 118 1.81 -11.70 24.02
C LEU A 118 2.22 -10.53 23.16
N TYR A 119 3.48 -10.14 23.23
CA TYR A 119 4.02 -9.06 22.42
C TYR A 119 5.27 -9.57 21.73
N LEU A 120 5.32 -9.44 20.39
CA LEU A 120 6.38 -10.06 19.59
C LEU A 120 7.20 -9.02 18.85
N ILE A 121 8.52 -9.21 18.83
CA ILE A 121 9.34 -8.52 17.83
C ILE A 121 8.95 -9.09 16.47
N HIS A 122 8.47 -8.21 15.58
CA HIS A 122 7.84 -8.70 14.34
C HIS A 122 8.86 -9.29 13.39
N TRP A 123 10.03 -8.65 13.23
CA TRP A 123 11.12 -9.14 12.39
C TRP A 123 12.45 -8.87 13.07
N PRO A 124 13.46 -9.73 12.83
CA PRO A 124 14.84 -9.37 13.20
C PRO A 124 15.44 -8.35 12.23
N PHE A 125 14.80 -7.16 12.16
CA PHE A 125 15.18 -6.15 11.18
C PHE A 125 14.74 -4.78 11.67
N ARG A 126 15.56 -3.78 11.38
CA ARG A 126 15.36 -2.46 11.98
C ARG A 126 15.46 -1.38 10.92
N VAL A 127 14.55 -0.39 11.00
CA VAL A 127 14.66 0.84 10.23
C VAL A 127 14.53 2.02 11.19
N LYS A 128 14.93 3.20 10.73
CA LYS A 128 14.79 4.40 11.55
C LYS A 128 13.34 4.62 11.93
N LYS A 129 13.12 5.12 13.15
CA LYS A 129 11.76 5.35 13.61
C LYS A 129 11.02 6.26 12.63
N GLY A 130 9.78 5.90 12.30
CA GLY A 130 8.94 6.71 11.44
C GLY A 130 9.27 6.67 9.96
N THR A 131 10.03 5.67 9.48
CA THR A 131 10.40 5.56 8.09
C THR A 131 9.95 4.20 7.53
N ASN A 132 9.92 4.12 6.20
CA ASN A 132 9.48 2.90 5.54
C ASN A 132 10.68 2.00 5.26
N THR A 133 10.40 0.81 4.70
CA THR A 133 11.45 -0.15 4.38
C THR A 133 12.10 0.25 3.05
N SER A 134 13.24 0.92 3.16
CA SER A 134 14.01 1.40 2.02
C SER A 134 15.43 1.59 2.49
N PRO A 135 16.43 1.28 1.67
CA PRO A 135 17.80 1.10 2.19
C PRO A 135 18.38 2.30 2.91
N GLU A 136 17.98 3.53 2.56
CA GLU A 136 18.49 4.66 3.33
C GLU A 136 18.00 4.60 4.77
N ASN A 137 16.96 3.83 5.05
CA ASN A 137 16.40 3.78 6.40
C ASN A 137 16.91 2.61 7.23
N PHE A 138 17.72 1.72 6.65
CA PHE A 138 18.18 0.52 7.36
C PHE A 138 19.14 0.88 8.48
N ILE A 139 18.88 0.37 9.68
CA ILE A 139 19.78 0.46 10.81
C ILE A 139 20.11 -0.97 11.21
N THR A 140 21.38 -1.24 11.46
CA THR A 140 21.76 -2.56 11.96
C THR A 140 20.96 -2.90 13.21
N PRO A 141 20.32 -4.07 13.26
CA PRO A 141 19.56 -4.46 14.44
C PRO A 141 20.46 -4.60 15.66
N ASP A 142 19.87 -4.37 16.83
CA ASP A 142 20.51 -4.70 18.11
C ASP A 142 19.43 -5.44 18.90
N ILE A 143 19.27 -6.72 18.60
CA ILE A 143 18.18 -7.48 19.20
C ILE A 143 18.32 -7.57 20.71
N PRO A 144 19.53 -7.76 21.30
CA PRO A 144 19.60 -7.77 22.76
C PRO A 144 19.14 -6.47 23.39
N ALA A 145 19.43 -5.32 22.75
CA ALA A 145 18.99 -4.06 23.32
C ALA A 145 17.48 -3.91 23.22
N THR A 146 16.91 -4.27 22.07
CA THR A 146 15.44 -4.26 21.93
C THR A 146 14.80 -5.20 22.94
N TRP A 147 15.38 -6.40 23.10
CA TRP A 147 14.81 -7.37 24.04
C TRP A 147 14.85 -6.85 25.47
N GLY A 148 15.92 -6.17 25.86
CA GLY A 148 15.96 -5.59 27.19
C GLY A 148 14.77 -4.68 27.43
N ALA A 149 14.36 -3.95 26.39
CA ALA A 149 13.18 -3.10 26.52
C ALA A 149 11.90 -3.93 26.53
N MET A 150 11.83 -5.00 25.73
CA MET A 150 10.68 -5.90 25.82
C MET A 150 10.54 -6.46 27.23
N GLU A 151 11.67 -6.84 27.85
CA GLU A 151 11.64 -7.38 29.21
C GLU A 151 11.05 -6.38 30.20
N LYS A 152 11.40 -5.10 30.06
CA LYS A 152 10.81 -4.09 30.93
C LYS A 152 9.29 -3.98 30.75
N CYS A 153 8.82 -4.18 29.51
CA CYS A 153 7.38 -4.15 29.23
C CYS A 153 6.70 -5.32 29.91
N TYR A 154 7.33 -6.49 29.84
CA TYR A 154 6.87 -7.68 30.53
C TYR A 154 6.89 -7.47 32.05
N ASP A 155 8.01 -6.96 32.58
CA ASP A 155 8.10 -6.70 34.02
C ASP A 155 7.03 -5.71 34.47
N ALA A 156 6.69 -4.75 33.64
CA ALA A 156 5.69 -3.75 33.98
C ALA A 156 4.27 -4.26 33.92
N GLY A 157 4.05 -5.49 33.44
CA GLY A 157 2.73 -6.03 33.35
C GLY A 157 1.98 -5.71 32.08
N LYS A 158 2.59 -4.93 31.16
CA LYS A 158 1.92 -4.52 29.93
C LYS A 158 1.85 -5.66 28.91
N ALA A 159 2.80 -6.60 28.96
CA ALA A 159 2.77 -7.79 28.13
C ALA A 159 2.96 -9.00 29.04
N ARG A 160 1.95 -9.89 29.08
CA ARG A 160 2.04 -11.06 29.95
C ARG A 160 3.17 -11.99 29.51
N ALA A 161 3.42 -12.03 28.21
CA ALA A 161 4.49 -12.82 27.61
C ALA A 161 5.11 -12.00 26.51
N ILE A 162 6.40 -12.23 26.25
CA ILE A 162 7.08 -11.56 25.15
C ILE A 162 7.75 -12.64 24.30
N GLY A 163 7.83 -12.39 23.00
CA GLY A 163 8.48 -13.33 22.11
C GLY A 163 8.92 -12.68 20.82
N VAL A 164 9.12 -13.50 19.80
CA VAL A 164 9.64 -13.03 18.52
C VAL A 164 8.86 -13.67 17.38
N SER A 165 9.12 -13.16 16.17
CA SER A 165 8.54 -13.67 14.94
C SER A 165 9.62 -13.68 13.86
N ASN A 166 9.58 -14.70 13.01
CA ASN A 166 10.50 -14.81 11.87
C ASN A 166 11.95 -14.94 12.31
N PHE A 167 12.20 -15.57 13.46
CA PHE A 167 13.55 -15.84 13.96
C PHE A 167 13.96 -17.27 13.64
N SER A 168 15.11 -17.44 12.96
CA SER A 168 15.67 -18.76 12.73
C SER A 168 16.04 -19.45 14.05
N SER A 169 16.32 -20.75 13.96
CA SER A 169 16.89 -21.45 15.11
C SER A 169 18.10 -20.72 15.63
N LYS A 170 18.97 -20.27 14.72
CA LYS A 170 20.20 -19.62 15.15
C LYS A 170 19.91 -18.31 15.87
N LYS A 171 19.06 -17.45 15.27
CA LYS A 171 18.79 -16.16 15.88
C LYS A 171 18.00 -16.32 17.18
N LEU A 172 17.10 -17.30 17.26
CA LEU A 172 16.39 -17.57 18.51
C LEU A 172 17.38 -18.01 19.59
N GLY A 173 18.32 -18.90 19.24
CA GLY A 173 19.33 -19.31 20.20
C GLY A 173 20.22 -18.16 20.65
N ASP A 174 20.63 -17.29 19.71
CA ASP A 174 21.43 -16.13 20.07
C ASP A 174 20.69 -15.24 21.08
N LEU A 175 19.38 -15.13 20.94
CA LEU A 175 18.60 -14.35 21.89
C LEU A 175 18.44 -15.08 23.21
N LEU A 176 18.15 -16.37 23.17
CA LEU A 176 18.04 -17.14 24.40
C LEU A 176 19.32 -17.04 25.23
N ALA A 177 20.47 -16.98 24.57
CA ALA A 177 21.74 -17.00 25.29
C ALA A 177 21.94 -15.75 26.13
N VAL A 178 21.41 -14.60 25.69
CA VAL A 178 21.62 -13.34 26.41
C VAL A 178 20.42 -12.93 27.25
N ALA A 179 19.26 -13.53 27.05
CA ALA A 179 18.04 -13.01 27.66
C ALA A 179 17.96 -13.38 29.15
N ARG A 180 17.31 -12.49 29.91
N ARG A 180 17.33 -12.51 29.93
CA ARG A 180 16.86 -12.81 31.25
CA ARG A 180 16.88 -12.97 31.24
C ARG A 180 15.49 -13.50 31.22
C ARG A 180 15.49 -13.59 31.13
N VAL A 181 14.55 -12.88 30.52
CA VAL A 181 13.23 -13.45 30.24
C VAL A 181 13.29 -14.15 28.90
N HIS A 182 13.06 -15.45 28.88
CA HIS A 182 13.14 -16.19 27.63
C HIS A 182 11.98 -15.80 26.71
N PRO A 183 12.23 -15.66 25.42
CA PRO A 183 11.10 -15.57 24.48
C PRO A 183 10.16 -16.74 24.70
N ALA A 184 8.87 -16.43 24.82
CA ALA A 184 7.87 -17.45 25.04
C ALA A 184 7.45 -18.11 23.73
N VAL A 185 7.56 -17.38 22.62
CA VAL A 185 7.00 -17.78 21.33
C VAL A 185 7.95 -17.34 20.23
N ASP A 186 8.08 -18.19 19.20
CA ASP A 186 8.62 -17.80 17.90
C ASP A 186 7.51 -18.03 16.89
N GLN A 187 6.93 -16.96 16.35
CA GLN A 187 5.84 -17.10 15.38
C GLN A 187 6.41 -17.08 13.96
N VAL A 188 6.21 -18.17 13.21
CA VAL A 188 6.85 -18.31 11.91
C VAL A 188 5.89 -18.94 10.91
N GLU A 189 6.19 -18.75 9.63
CA GLU A 189 5.48 -19.50 8.58
C GLU A 189 5.68 -20.99 8.80
N CYS A 190 4.57 -21.75 8.89
CA CYS A 190 4.67 -23.18 9.15
C CYS A 190 3.39 -23.84 8.67
N HIS A 191 3.52 -24.85 7.81
CA HIS A 191 2.38 -25.52 7.19
C HIS A 191 2.91 -26.78 6.51
N PRO A 192 2.06 -27.67 5.98
CA PRO A 192 2.60 -28.91 5.42
C PRO A 192 3.58 -28.69 4.28
N GLY A 193 3.54 -27.54 3.61
CA GLY A 193 4.54 -27.22 2.61
C GLY A 193 5.82 -26.62 3.14
N TRP A 194 5.86 -26.29 4.43
CA TRP A 194 7.06 -25.70 5.02
C TRP A 194 7.03 -26.06 6.50
N GLN A 195 7.52 -27.27 6.78
CA GLN A 195 7.22 -27.94 8.06
C GLN A 195 8.12 -27.50 9.20
N GLN A 196 9.22 -26.81 8.91
CA GLN A 196 10.07 -26.17 9.91
C GLN A 196 10.66 -27.16 10.90
N THR A 197 11.03 -28.35 10.41
CA THR A 197 11.48 -29.41 11.32
C THR A 197 12.66 -28.97 12.19
N LYS A 198 13.64 -28.29 11.61
CA LYS A 198 14.79 -27.86 12.37
C LYS A 198 14.37 -26.92 13.50
N LEU A 199 13.57 -25.90 13.17
CA LEU A 199 13.15 -24.94 14.18
C LEU A 199 12.22 -25.58 15.19
N HIS A 200 11.37 -26.50 14.74
CA HIS A 200 10.49 -27.23 15.65
C HIS A 200 11.29 -27.97 16.72
N ASN A 201 12.29 -28.75 16.30
CA ASN A 201 13.11 -29.48 17.27
C ASN A 201 13.83 -28.50 18.20
N PHE A 202 14.33 -27.38 17.66
CA PHE A 202 15.06 -26.43 18.50
C PHE A 202 14.13 -25.78 19.53
N CYS A 203 12.89 -25.46 19.13
CA CYS A 203 11.93 -24.92 20.09
C CYS A 203 11.60 -25.92 21.19
N GLN A 204 11.48 -27.19 20.83
CA GLN A 204 11.27 -28.19 21.86
C GLN A 204 12.45 -28.26 22.83
N SER A 205 13.67 -28.13 22.30
CA SER A 205 14.86 -28.23 23.14
C SER A 205 14.97 -27.05 24.11
N THR A 206 14.33 -25.93 23.79
CA THR A 206 14.52 -24.71 24.57
C THR A 206 13.26 -24.27 25.32
N GLY A 207 12.13 -24.97 25.15
CA GLY A 207 10.90 -24.57 25.80
C GLY A 207 10.19 -23.39 25.15
N VAL A 208 10.58 -23.00 23.94
CA VAL A 208 9.92 -21.93 23.22
C VAL A 208 8.76 -22.52 22.41
N HIS A 209 7.61 -21.84 22.43
CA HIS A 209 6.45 -22.29 21.68
C HIS A 209 6.50 -21.79 20.24
N LEU A 210 6.17 -22.68 19.29
CA LEU A 210 6.11 -22.32 17.87
C LEU A 210 4.65 -22.07 17.51
N THR A 211 4.34 -20.84 17.10
CA THR A 211 3.04 -20.48 16.54
C THR A 211 3.17 -20.40 15.02
N ALA A 212 2.31 -21.14 14.31
CA ALA A 212 2.37 -21.23 12.86
C ALA A 212 1.51 -20.12 12.25
N TYR A 213 2.14 -19.17 11.56
CA TYR A 213 1.36 -18.29 10.71
C TYR A 213 1.34 -18.84 9.28
N SER A 214 0.41 -18.34 8.47
CA SER A 214 0.10 -18.91 7.17
C SER A 214 -0.08 -20.43 7.23
N PRO A 215 -0.84 -20.94 8.20
CA PRO A 215 -0.92 -22.41 8.36
C PRO A 215 -1.63 -23.09 7.20
N LEU A 216 -2.33 -22.33 6.35
CA LEU A 216 -2.97 -22.88 5.16
C LEU A 216 -2.15 -22.61 3.90
N GLY A 217 -0.94 -22.08 4.04
CA GLY A 217 -0.11 -21.77 2.88
C GLY A 217 -0.63 -20.56 2.13
N GLY A 226 -2.01 -20.45 -2.18
CA GLY A 226 -2.74 -21.43 -1.39
C GLY A 226 -2.65 -22.83 -1.95
N ASN A 227 -1.58 -23.08 -2.70
CA ASN A 227 -1.38 -24.38 -3.33
C ASN A 227 -1.19 -25.50 -2.31
N VAL A 228 -0.92 -25.19 -1.04
CA VAL A 228 -0.64 -26.23 -0.05
C VAL A 228 -1.87 -27.11 0.14
N LEU A 229 -3.07 -26.53 0.12
CA LEU A 229 -4.27 -27.35 0.32
C LEU A 229 -4.57 -28.22 -0.90
N LYS A 230 -3.87 -28.03 -2.01
CA LYS A 230 -4.02 -28.86 -3.19
C LYS A 230 -3.10 -30.07 -3.18
N GLU A 231 -2.22 -30.20 -2.20
CA GLU A 231 -1.31 -31.33 -2.16
C GLU A 231 -2.11 -32.63 -2.12
N PRO A 232 -1.83 -33.58 -3.01
CA PRO A 232 -2.55 -34.86 -2.99
C PRO A 232 -2.53 -35.55 -1.64
N VAL A 233 -1.42 -35.46 -0.90
CA VAL A 233 -1.35 -36.08 0.42
C VAL A 233 -2.41 -35.51 1.34
N ILE A 234 -2.63 -34.19 1.30
CA ILE A 234 -3.62 -33.57 2.17
C ILE A 234 -5.02 -33.91 1.70
N ILE A 235 -5.27 -33.80 0.38
CA ILE A 235 -6.60 -34.11 -0.14
C ILE A 235 -6.99 -35.54 0.17
N SER A 236 -6.04 -36.48 0.02
CA SER A 236 -6.33 -37.88 0.33
C SER A 236 -6.67 -38.08 1.80
N ILE A 237 -5.85 -37.52 2.71
CA ILE A 237 -6.12 -37.65 4.14
C ILE A 237 -7.46 -37.03 4.47
N ALA A 238 -7.75 -35.86 3.90
CA ALA A 238 -9.04 -35.22 4.09
C ALA A 238 -10.18 -36.16 3.72
N GLU A 239 -10.07 -36.82 2.56
CA GLU A 239 -11.10 -37.75 2.12
C GLU A 239 -11.23 -38.93 3.07
N LYS A 240 -10.11 -39.50 3.47
CA LYS A 240 -10.14 -40.65 4.35
C LYS A 240 -10.78 -40.35 5.69
N LEU A 241 -10.54 -39.17 6.23
CA LEU A 241 -10.99 -38.80 7.56
C LEU A 241 -12.29 -38.01 7.54
N GLY A 242 -12.79 -37.66 6.35
CA GLY A 242 -14.01 -36.89 6.26
C GLY A 242 -13.89 -35.47 6.81
N LYS A 243 -12.79 -34.80 6.50
CA LYS A 243 -12.55 -33.43 6.93
C LYS A 243 -12.13 -32.62 5.72
N THR A 244 -12.11 -31.30 5.84
CA THR A 244 -11.64 -30.51 4.72
C THR A 244 -10.12 -30.51 4.67
N PRO A 245 -9.53 -30.21 3.51
CA PRO A 245 -8.06 -30.09 3.47
C PRO A 245 -7.51 -29.07 4.45
N ALA A 246 -8.22 -27.96 4.65
CA ALA A 246 -7.74 -26.96 5.63
C ALA A 246 -7.72 -27.54 7.03
N GLN A 247 -8.78 -28.27 7.42
CA GLN A 247 -8.81 -28.89 8.74
C GLN A 247 -7.65 -29.87 8.91
N VAL A 248 -7.31 -30.60 7.85
CA VAL A 248 -6.19 -31.53 7.92
C VAL A 248 -4.88 -30.76 8.09
N ALA A 249 -4.70 -29.67 7.35
CA ALA A 249 -3.46 -28.91 7.47
C ALA A 249 -3.33 -28.29 8.86
N LEU A 250 -4.43 -27.76 9.40
CA LEU A 250 -4.41 -27.20 10.75
C LEU A 250 -4.15 -28.27 11.78
N ARG A 251 -4.81 -29.43 11.63
CA ARG A 251 -4.63 -30.51 12.59
C ARG A 251 -3.17 -30.99 12.58
N TRP A 252 -2.56 -31.06 11.39
CA TRP A 252 -1.16 -31.46 11.33
C TRP A 252 -0.30 -30.58 12.24
N ASN A 253 -0.49 -29.26 12.15
CA ASN A 253 0.30 -28.35 12.96
C ASN A 253 0.04 -28.56 14.45
N ILE A 254 -1.23 -28.74 14.82
CA ILE A 254 -1.57 -28.90 16.23
C ILE A 254 -0.97 -30.20 16.76
N GLN A 255 -0.99 -31.25 15.95
CA GLN A 255 -0.41 -32.51 16.41
C GLN A 255 1.10 -32.41 16.57
N MET A 256 1.72 -31.50 15.84
CA MET A 256 3.14 -31.23 16.02
C MET A 256 3.42 -30.37 17.24
N GLY A 257 2.38 -29.89 17.92
CA GLY A 257 2.56 -29.06 19.09
C GLY A 257 2.57 -27.58 18.83
N HIS A 258 2.09 -27.13 17.67
CA HIS A 258 2.12 -25.73 17.31
C HIS A 258 0.72 -25.16 17.37
N SER A 259 0.60 -23.92 17.85
CA SER A 259 -0.63 -23.19 17.64
C SER A 259 -0.70 -22.70 16.19
N VAL A 260 -1.90 -22.36 15.73
CA VAL A 260 -2.10 -21.98 14.32
C VAL A 260 -2.94 -20.72 14.24
N LEU A 261 -2.69 -19.93 13.19
CA LEU A 261 -3.34 -18.64 13.00
C LEU A 261 -3.99 -18.55 11.62
N PRO A 262 -4.97 -19.40 11.34
CA PRO A 262 -5.68 -19.31 10.05
C PRO A 262 -6.37 -17.97 9.90
N LYS A 263 -6.18 -17.34 8.74
CA LYS A 263 -6.87 -16.09 8.43
C LYS A 263 -8.05 -16.39 7.51
N SER A 264 -9.23 -15.97 7.93
CA SER A 264 -10.42 -16.12 7.12
C SER A 264 -11.44 -15.09 7.57
N THR A 265 -12.26 -14.65 6.62
CA THR A 265 -13.38 -13.75 6.92
C THR A 265 -14.72 -14.34 6.53
N ASN A 266 -14.77 -15.64 6.24
CA ASN A 266 -16.01 -16.32 5.93
C ASN A 266 -16.45 -17.11 7.16
N GLU A 267 -17.67 -16.83 7.62
CA GLU A 267 -18.13 -17.41 8.89
C GLU A 267 -18.07 -18.93 8.86
N GLU A 268 -18.44 -19.54 7.74
CA GLU A 268 -18.45 -20.99 7.65
C GLU A 268 -17.05 -21.58 7.79
N ARG A 269 -16.07 -20.96 7.15
CA ARG A 269 -14.70 -21.47 7.25
C ARG A 269 -14.05 -21.13 8.58
N ILE A 270 -14.39 -19.96 9.15
CA ILE A 270 -13.95 -19.63 10.50
C ILE A 270 -14.38 -20.72 11.48
N LYS A 271 -15.62 -21.22 11.33
CA LYS A 271 -16.10 -22.25 12.24
C LYS A 271 -15.45 -23.60 11.94
N GLN A 272 -15.23 -23.92 10.66
CA GLN A 272 -14.57 -25.17 10.33
C GLN A 272 -13.14 -25.18 10.84
N ASN A 273 -12.45 -24.05 10.72
CA ASN A 273 -11.06 -23.95 11.16
C ASN A 273 -10.91 -24.20 12.65
N LEU A 274 -12.01 -24.14 13.41
CA LEU A 274 -11.98 -24.45 14.84
C LEU A 274 -12.14 -25.94 15.13
N ASP A 275 -12.70 -26.70 14.20
CA ASP A 275 -12.98 -28.12 14.45
C ASP A 275 -11.75 -28.96 14.10
N VAL A 276 -10.73 -28.80 14.94
CA VAL A 276 -9.45 -29.43 14.71
C VAL A 276 -8.98 -30.08 15.99
N TYR A 277 -9.89 -30.29 16.95
CA TYR A 277 -9.52 -30.66 18.30
C TYR A 277 -9.82 -32.11 18.65
N ASP A 278 -11.01 -32.63 18.33
CA ASP A 278 -11.44 -33.90 18.88
C ASP A 278 -11.27 -35.08 17.92
N TRP A 279 -10.39 -34.94 16.93
CA TRP A 279 -10.05 -36.03 16.03
C TRP A 279 -8.57 -35.90 15.69
N SER A 280 -7.97 -36.99 15.21
CA SER A 280 -6.52 -37.03 15.04
C SER A 280 -6.16 -37.62 13.69
N ILE A 281 -4.97 -37.26 13.21
CA ILE A 281 -4.40 -37.85 12.01
C ILE A 281 -3.64 -39.11 12.42
N PRO A 282 -4.06 -40.29 11.96
CA PRO A 282 -3.41 -41.53 12.42
C PRO A 282 -1.98 -41.61 11.93
N ASP A 283 -1.19 -42.42 12.65
CA ASP A 283 0.25 -42.50 12.38
C ASP A 283 0.56 -42.86 10.92
N ASP A 284 -0.26 -43.73 10.32
CA ASP A 284 0.01 -44.16 8.94
C ASP A 284 -0.12 -42.99 7.98
N LEU A 285 -1.13 -42.13 8.18
CA LEU A 285 -1.33 -40.98 7.33
C LEU A 285 -0.36 -39.85 7.68
N LEU A 286 -0.06 -39.68 8.97
CA LEU A 286 0.90 -38.66 9.38
C LEU A 286 2.25 -38.89 8.72
N ALA A 287 2.64 -40.15 8.56
CA ALA A 287 3.91 -40.46 7.94
C ALA A 287 4.01 -39.89 6.53
N LYS A 288 2.88 -39.74 5.85
CA LYS A 288 2.89 -39.32 4.45
C LYS A 288 3.24 -37.85 4.28
N PHE A 289 3.21 -37.05 5.36
CA PHE A 289 3.57 -35.65 5.21
C PHE A 289 5.03 -35.47 4.83
N SER A 290 5.88 -36.48 5.05
CA SER A 290 7.25 -36.40 4.57
C SER A 290 7.35 -36.43 3.05
N GLU A 291 6.26 -36.76 2.34
CA GLU A 291 6.24 -36.83 0.88
C GLU A 291 5.87 -35.51 0.23
N ILE A 292 5.57 -34.47 1.00
CA ILE A 292 5.20 -33.18 0.45
C ILE A 292 6.45 -32.35 0.23
N LYS A 293 6.64 -31.86 -1.00
CA LYS A 293 7.81 -31.05 -1.28
C LYS A 293 7.75 -29.74 -0.49
N GLN A 294 8.91 -29.26 -0.10
CA GLN A 294 9.05 -28.17 0.87
C GLN A 294 9.50 -26.90 0.17
N ALA A 295 8.82 -25.80 0.45
CA ALA A 295 9.24 -24.50 -0.06
C ALA A 295 8.76 -23.40 0.87
N ARG A 296 9.66 -22.46 1.21
CA ARG A 296 9.27 -21.32 2.04
C ARG A 296 8.51 -20.29 1.20
N LEU A 297 7.27 -19.97 1.58
CA LEU A 297 6.44 -19.11 0.75
C LEU A 297 6.72 -17.62 0.97
N LEU A 298 6.90 -17.19 2.22
CA LEU A 298 7.19 -15.80 2.53
C LEU A 298 8.69 -15.68 2.76
N ARG A 299 9.41 -15.33 1.70
CA ARG A 299 10.85 -15.42 1.71
C ARG A 299 11.53 -14.20 2.33
N GLY A 300 10.79 -13.13 2.58
CA GLY A 300 11.37 -11.94 3.17
C GLY A 300 12.16 -11.09 2.21
N ASN A 301 11.80 -11.09 0.92
CA ASN A 301 12.49 -10.27 -0.09
C ASN A 301 12.60 -8.82 0.33
N PHE A 302 11.60 -8.30 1.07
CA PHE A 302 11.59 -6.88 1.39
C PHE A 302 12.73 -6.46 2.32
N ILE A 303 13.47 -7.39 2.91
CA ILE A 303 14.58 -7.02 3.77
C ILE A 303 15.87 -7.73 3.35
N VAL A 304 15.89 -8.29 2.13
CA VAL A 304 17.10 -8.86 1.56
C VAL A 304 17.53 -7.93 0.44
N ASN A 305 18.75 -7.43 0.54
CA ASN A 305 19.18 -6.25 -0.21
C ASN A 305 20.69 -6.08 -0.07
N PRO A 306 21.37 -5.53 -1.08
CA PRO A 306 22.82 -5.31 -0.94
C PRO A 306 23.19 -4.39 0.21
N GLN A 307 22.28 -3.53 0.66
CA GLN A 307 22.53 -2.63 1.78
C GLN A 307 21.94 -3.14 3.09
N SER A 308 21.29 -4.30 3.07
CA SER A 308 20.74 -4.94 4.25
C SER A 308 21.79 -5.78 4.97
N VAL A 309 21.61 -5.96 6.28
CA VAL A 309 22.44 -6.92 6.98
C VAL A 309 22.23 -8.31 6.44
N TYR A 310 21.11 -8.54 5.74
CA TYR A 310 20.86 -9.82 5.08
C TYR A 310 21.00 -9.58 3.57
N LYS A 311 22.17 -9.94 3.03
CA LYS A 311 22.38 -9.80 1.59
C LYS A 311 21.81 -10.97 0.82
N THR A 312 21.56 -12.09 1.48
CA THR A 312 20.94 -13.26 0.86
C THR A 312 19.81 -13.74 1.76
N HIS A 313 18.89 -14.51 1.17
CA HIS A 313 17.85 -15.15 1.95
C HIS A 313 18.43 -16.14 2.96
N GLU A 314 19.54 -16.80 2.62
CA GLU A 314 20.17 -17.71 3.57
C GLU A 314 20.65 -16.96 4.81
N GLU A 315 21.12 -15.73 4.65
CA GLU A 315 21.57 -14.96 5.81
C GLU A 315 20.39 -14.61 6.73
N LEU A 316 19.24 -14.29 6.15
CA LEU A 316 18.07 -13.97 6.97
C LEU A 316 17.59 -15.20 7.74
N TRP A 317 17.46 -16.33 7.04
CA TRP A 317 16.90 -17.53 7.64
C TRP A 317 17.96 -18.49 8.15
N ASP A 318 19.25 -18.15 8.05
CA ASP A 318 20.35 -18.97 8.56
C ASP A 318 20.30 -20.41 8.03
N GLY A 319 20.17 -20.53 6.71
CA GLY A 319 20.16 -21.82 6.06
C GLY A 319 18.82 -22.52 6.05
N GLU A 320 17.89 -22.11 6.91
CA GLU A 320 16.58 -22.75 7.01
C GLU A 320 15.77 -22.36 5.77
N LEU A 321 16.08 -23.05 4.67
CA LEU A 321 15.53 -22.75 3.36
C LEU A 321 15.62 -23.97 2.45
N GLY B 11 15.41 9.93 -8.63
CA GLY B 11 16.35 9.50 -7.61
C GLY B 11 15.79 9.67 -6.22
N MET B 12 15.56 8.55 -5.51
CA MET B 12 14.68 8.53 -4.35
C MET B 12 13.31 9.09 -4.72
N ALA B 13 12.87 8.76 -5.93
CA ALA B 13 11.59 9.14 -6.50
C ALA B 13 11.48 10.63 -6.82
N ARG B 14 12.62 11.32 -6.98
CA ARG B 14 12.56 12.68 -7.53
C ARG B 14 12.17 12.68 -9.00
N HIS B 15 12.31 11.54 -9.67
CA HIS B 15 11.85 11.35 -11.03
C HIS B 15 11.29 9.95 -11.15
N PHE B 16 10.36 9.79 -12.09
CA PHE B 16 9.92 8.46 -12.50
C PHE B 16 10.28 8.31 -13.97
N VAL B 17 10.42 7.08 -14.43
CA VAL B 17 10.82 6.79 -15.81
C VAL B 17 9.61 6.35 -16.59
N LEU B 18 9.32 7.07 -17.68
CA LEU B 18 8.22 6.71 -18.58
C LEU B 18 8.63 5.54 -19.47
N ASN B 19 7.62 4.92 -20.09
CA ASN B 19 7.90 3.80 -20.99
C ASN B 19 8.65 4.24 -22.23
N THR B 20 8.77 5.56 -22.47
CA THR B 20 9.67 6.06 -23.49
C THR B 20 11.12 6.10 -23.02
N GLY B 21 11.35 5.91 -21.72
CA GLY B 21 12.65 6.14 -21.14
C GLY B 21 12.88 7.53 -20.61
N ALA B 22 12.01 8.49 -20.91
CA ALA B 22 12.19 9.85 -20.41
C ALA B 22 11.85 9.91 -18.93
N LYS B 23 12.50 10.84 -18.22
CA LYS B 23 12.23 11.05 -16.80
C LYS B 23 11.19 12.15 -16.62
N ILE B 24 10.19 11.90 -15.78
CA ILE B 24 9.20 12.91 -15.43
C ILE B 24 9.45 13.32 -13.98
N PRO B 25 9.61 14.61 -13.70
CA PRO B 25 9.80 15.03 -12.30
C PRO B 25 8.55 14.71 -11.50
N SER B 26 8.76 14.19 -10.29
CA SER B 26 7.63 13.66 -9.53
C SER B 26 6.75 14.75 -8.94
N VAL B 27 7.23 16.00 -8.84
CA VAL B 27 6.39 17.13 -8.45
C VAL B 27 6.32 18.09 -9.61
N GLY B 28 5.10 18.48 -10.00
CA GLY B 28 4.92 19.51 -10.99
C GLY B 28 3.87 20.49 -10.51
N LEU B 29 3.86 21.67 -11.14
CA LEU B 29 2.83 22.65 -10.83
C LEU B 29 1.58 22.36 -11.66
N GLY B 30 0.47 22.12 -10.99
CA GLY B 30 -0.78 21.96 -11.71
C GLY B 30 -1.33 23.34 -12.01
N THR B 31 -1.58 23.65 -13.26
CA THR B 31 -2.19 24.94 -13.58
C THR B 31 -3.69 24.76 -13.78
N TRP B 32 -4.38 25.89 -13.87
CA TRP B 32 -5.84 25.90 -13.92
C TRP B 32 -6.24 27.21 -14.57
N GLN B 33 -7.55 27.44 -14.70
CA GLN B 33 -8.05 28.65 -15.32
C GLN B 33 -8.21 29.71 -14.24
N SER B 34 -7.40 30.76 -14.31
CA SER B 34 -7.49 31.85 -13.36
C SER B 34 -7.67 33.18 -14.12
N ASP B 35 -7.50 34.25 -13.40
CA ASP B 35 -7.56 35.57 -14.00
C ASP B 35 -6.19 36.01 -14.45
N PRO B 36 -6.10 36.99 -15.36
CA PRO B 36 -4.82 37.28 -15.99
C PRO B 36 -3.71 37.50 -14.96
N GLY B 37 -2.55 36.89 -15.22
CA GLY B 37 -1.35 37.12 -14.45
C GLY B 37 -1.09 36.09 -13.36
N VAL B 38 -2.15 35.50 -12.80
CA VAL B 38 -1.98 34.62 -11.65
C VAL B 38 -1.09 33.44 -12.02
N VAL B 39 -1.44 32.73 -13.10
CA VAL B 39 -0.75 31.49 -13.37
C VAL B 39 0.68 31.75 -13.81
N GLY B 40 0.92 32.80 -14.60
CA GLY B 40 2.27 33.14 -15.00
C GLY B 40 3.18 33.41 -13.82
N ASP B 41 2.68 34.15 -12.83
CA ASP B 41 3.47 34.40 -11.62
C ASP B 41 3.79 33.10 -10.89
N ALA B 42 2.80 32.21 -10.77
CA ALA B 42 3.03 30.95 -10.07
C ALA B 42 4.03 30.08 -10.80
N VAL B 43 3.98 30.06 -12.14
CA VAL B 43 4.96 29.30 -12.92
C VAL B 43 6.37 29.84 -12.66
N TYR B 44 6.53 31.17 -12.71
CA TYR B 44 7.84 31.76 -12.44
C TYR B 44 8.31 31.43 -11.04
N THR B 45 7.42 31.61 -10.04
CA THR B 45 7.80 31.36 -8.66
C THR B 45 8.11 29.89 -8.42
N ALA B 46 7.32 28.99 -9.01
CA ALA B 46 7.53 27.55 -8.81
C ALA B 46 8.88 27.11 -9.37
N VAL B 47 9.21 27.54 -10.59
CA VAL B 47 10.47 27.11 -11.19
C VAL B 47 11.66 27.70 -10.43
N LYS B 48 11.56 28.97 -10.02
CA LYS B 48 12.63 29.55 -9.22
C LYS B 48 12.84 28.77 -7.93
N ALA B 49 11.77 28.29 -7.32
CA ALA B 49 11.87 27.50 -6.10
C ALA B 49 12.40 26.09 -6.33
N GLY B 50 12.39 25.60 -7.58
CA GLY B 50 12.95 24.29 -7.87
C GLY B 50 12.06 23.34 -8.66
N TYR B 51 10.81 23.71 -8.93
CA TYR B 51 9.97 22.86 -9.78
C TYR B 51 10.60 22.75 -11.16
N ARG B 52 10.50 21.54 -11.75
CA ARG B 52 10.99 21.31 -13.11
C ARG B 52 9.93 20.70 -14.01
N HIS B 53 8.67 20.83 -13.63
CA HIS B 53 7.56 20.14 -14.29
C HIS B 53 6.38 21.09 -14.20
N ILE B 54 5.85 21.49 -15.35
CA ILE B 54 4.72 22.40 -15.44
C ILE B 54 3.64 21.71 -16.27
N ASP B 55 2.43 21.60 -15.71
CA ASP B 55 1.33 20.90 -16.34
C ASP B 55 0.26 21.91 -16.79
N CYS B 56 -0.04 21.90 -18.08
CA CYS B 56 -0.94 22.88 -18.73
C CYS B 56 -2.11 22.16 -19.40
N ALA B 57 -3.08 22.95 -19.86
CA ALA B 57 -4.13 22.42 -20.72
C ALA B 57 -4.66 23.55 -21.58
N LYS B 58 -4.83 23.28 -22.88
CA LYS B 58 -5.37 24.31 -23.77
C LYS B 58 -6.75 24.79 -23.36
N VAL B 59 -7.56 23.91 -22.76
CA VAL B 59 -8.93 24.32 -22.42
C VAL B 59 -8.94 25.48 -21.44
N TYR B 60 -7.89 25.63 -20.64
CA TYR B 60 -7.84 26.74 -19.70
C TYR B 60 -7.52 28.08 -20.36
N GLY B 61 -7.11 28.08 -21.63
CA GLY B 61 -6.92 29.33 -22.33
C GLY B 61 -5.75 30.18 -21.86
N ASN B 62 -4.88 29.65 -21.01
CA ASN B 62 -3.81 30.44 -20.42
C ASN B 62 -2.41 30.03 -20.89
N GLU B 63 -2.32 29.35 -22.04
CA GLU B 63 -1.00 28.86 -22.46
C GLU B 63 -0.09 30.01 -22.89
N LYS B 64 -0.65 31.06 -23.49
CA LYS B 64 0.17 32.22 -23.84
C LYS B 64 0.81 32.85 -22.61
N GLU B 65 0.03 32.98 -21.55
CA GLU B 65 0.56 33.54 -20.31
C GLU B 65 1.63 32.64 -19.72
N ILE B 66 1.41 31.34 -19.72
CA ILE B 66 2.45 30.42 -19.27
C ILE B 66 3.69 30.54 -20.16
N GLY B 67 3.50 30.67 -21.48
CA GLY B 67 4.66 30.79 -22.35
C GLY B 67 5.51 32.01 -22.06
N LEU B 68 4.87 33.11 -21.65
CA LEU B 68 5.63 34.31 -21.29
C LEU B 68 6.44 34.09 -20.03
N ALA B 69 5.88 33.38 -19.06
CA ALA B 69 6.63 33.07 -17.85
C ALA B 69 7.82 32.16 -18.15
N LEU B 70 7.62 31.17 -19.04
CA LEU B 70 8.76 30.32 -19.38
C LEU B 70 9.83 31.08 -20.13
N LYS B 71 9.43 31.98 -21.03
CA LYS B 71 10.40 32.82 -21.73
C LYS B 71 11.22 33.63 -20.74
N LYS B 72 10.54 34.21 -19.74
CA LYS B 72 11.23 34.98 -18.72
C LYS B 72 12.19 34.11 -17.94
N LEU B 73 11.80 32.87 -17.64
CA LEU B 73 12.70 31.97 -16.92
C LEU B 73 13.92 31.64 -17.77
N PHE B 74 13.74 31.39 -19.08
CA PHE B 74 14.88 31.06 -19.92
C PHE B 74 15.78 32.28 -20.11
N GLU B 75 15.19 33.47 -20.29
CA GLU B 75 16.00 34.65 -20.54
C GLU B 75 16.86 35.01 -19.33
N GLU B 76 16.33 34.84 -18.12
CA GLU B 76 17.09 35.12 -16.90
C GLU B 76 18.09 34.02 -16.56
N GLY B 77 18.09 32.89 -17.27
CA GLY B 77 19.03 31.83 -16.99
C GLY B 77 18.69 30.96 -15.80
N VAL B 78 17.49 31.10 -15.23
CA VAL B 78 17.06 30.24 -14.13
C VAL B 78 17.16 28.77 -14.54
N VAL B 79 16.82 28.49 -15.79
CA VAL B 79 16.66 27.12 -16.26
C VAL B 79 16.74 27.18 -17.78
N LYS B 80 17.11 26.06 -18.40
CA LYS B 80 17.04 25.90 -19.85
C LYS B 80 15.86 25.01 -20.22
N ARG B 81 15.43 25.11 -21.48
CA ARG B 81 14.28 24.34 -21.94
C ARG B 81 14.43 22.86 -21.61
N GLU B 82 15.63 22.32 -21.84
CA GLU B 82 15.93 20.91 -21.65
C GLU B 82 15.78 20.46 -20.20
N ASP B 83 15.82 21.40 -19.23
CA ASP B 83 15.65 21.07 -17.82
C ASP B 83 14.20 20.93 -17.40
N LEU B 84 13.25 21.43 -18.20
CA LEU B 84 11.85 21.45 -17.81
C LEU B 84 11.06 20.35 -18.52
N PHE B 85 10.06 19.82 -17.81
CA PHE B 85 9.11 18.87 -18.34
C PHE B 85 7.78 19.61 -18.49
N ILE B 86 7.34 19.83 -19.72
CA ILE B 86 6.14 20.63 -19.99
C ILE B 86 5.08 19.75 -20.62
N THR B 87 3.89 19.74 -20.01
CA THR B 87 2.73 18.98 -20.46
C THR B 87 1.62 19.92 -20.91
N SER B 88 0.94 19.55 -21.99
CA SER B 88 -0.37 20.14 -22.27
C SER B 88 -1.29 19.03 -22.75
N LYS B 89 -2.52 19.42 -23.09
CA LYS B 89 -3.59 18.46 -23.28
C LYS B 89 -4.49 18.85 -24.43
N LEU B 90 -4.96 17.82 -25.15
CA LEU B 90 -5.92 17.96 -26.23
C LEU B 90 -7.34 18.00 -25.68
N TRP B 91 -8.04 19.12 -25.89
CA TRP B 91 -9.39 19.24 -25.37
C TRP B 91 -10.38 18.44 -26.24
N ASN B 92 -11.59 18.24 -25.68
CA ASN B 92 -12.60 17.38 -26.28
C ASN B 92 -13.05 17.83 -27.66
N ASP B 93 -12.89 19.10 -28.00
CA ASP B 93 -13.37 19.59 -29.28
C ASP B 93 -12.38 19.38 -30.41
N ARG B 94 -11.20 18.83 -30.12
CA ARG B 94 -10.16 18.67 -31.12
C ARG B 94 -9.83 17.21 -31.37
N HIS B 95 -10.78 16.32 -31.12
CA HIS B 95 -10.53 14.88 -31.28
C HIS B 95 -10.51 14.40 -32.73
N ALA B 96 -11.03 15.19 -33.67
CA ALA B 96 -10.97 14.77 -35.06
C ALA B 96 -9.51 14.68 -35.49
N PRO B 97 -9.12 13.62 -36.22
CA PRO B 97 -7.69 13.47 -36.56
C PRO B 97 -7.08 14.68 -37.25
N GLU B 98 -7.83 15.38 -38.14
CA GLU B 98 -7.31 16.60 -38.74
C GLU B 98 -7.06 17.68 -37.71
N ASP B 99 -7.84 17.68 -36.64
CA ASP B 99 -7.73 18.77 -35.68
C ASP B 99 -6.66 18.54 -34.62
N VAL B 100 -6.21 17.30 -34.43
CA VAL B 100 -5.28 16.99 -33.34
C VAL B 100 -3.95 17.71 -33.54
N PRO B 101 -3.24 17.57 -34.66
CA PRO B 101 -1.94 18.24 -34.78
C PRO B 101 -2.08 19.75 -34.83
N GLU B 102 -3.20 20.26 -35.33
CA GLU B 102 -3.43 21.70 -35.34
C GLU B 102 -3.59 22.21 -33.91
N ALA B 103 -4.27 21.45 -33.05
CA ALA B 103 -4.39 21.85 -31.65
C ALA B 103 -3.03 21.82 -30.97
N LEU B 104 -2.24 20.78 -31.23
CA LEU B 104 -0.91 20.73 -30.62
C LEU B 104 -0.04 21.90 -31.09
N ASN B 105 -0.13 22.25 -32.36
CA ASN B 105 0.66 23.38 -32.87
C ASN B 105 0.19 24.70 -32.25
N GLU B 106 -1.09 24.84 -31.94
CA GLU B 106 -1.55 26.05 -31.26
C GLU B 106 -1.00 26.11 -29.84
N SER B 107 -1.02 24.99 -29.13
CA SER B 107 -0.42 24.92 -27.80
C SER B 107 1.06 25.28 -27.86
N LEU B 108 1.79 24.69 -28.81
CA LEU B 108 3.22 24.99 -28.95
C LEU B 108 3.43 26.47 -29.29
N THR B 109 2.63 27.01 -30.20
CA THR B 109 2.74 28.43 -30.53
C THR B 109 2.52 29.30 -29.29
N ASP B 110 1.46 29.02 -28.53
CA ASP B 110 1.16 29.86 -27.37
C ASP B 110 2.21 29.68 -26.28
N LEU B 111 2.68 28.46 -26.06
CA LEU B 111 3.73 28.24 -25.09
C LEU B 111 5.08 28.72 -25.57
N GLN B 112 5.22 29.02 -26.86
CA GLN B 112 6.49 29.39 -27.48
C GLN B 112 7.54 28.29 -27.31
N LEU B 113 7.10 27.05 -27.54
CA LEU B 113 7.96 25.88 -27.45
C LEU B 113 8.02 25.20 -28.80
N ASP B 114 9.10 24.46 -29.04
CA ASP B 114 9.21 23.64 -30.23
C ASP B 114 8.66 22.24 -30.01
N TYR B 115 8.56 21.78 -28.77
CA TYR B 115 8.04 20.45 -28.47
C TYR B 115 7.45 20.47 -27.07
N LEU B 116 6.51 19.54 -26.83
CA LEU B 116 6.03 19.25 -25.50
C LEU B 116 6.68 17.97 -24.99
N ASP B 117 6.96 17.91 -23.69
CA ASP B 117 7.44 16.64 -23.15
C ASP B 117 6.33 15.61 -23.08
N LEU B 118 5.08 16.06 -22.99
CA LEU B 118 3.94 15.16 -22.81
C LEU B 118 2.69 15.84 -23.35
N TYR B 119 1.91 15.11 -24.12
CA TYR B 119 0.64 15.62 -24.65
C TYR B 119 -0.44 14.59 -24.37
N LEU B 120 -1.53 15.00 -23.72
CA LEU B 120 -2.53 14.06 -23.24
C LEU B 120 -3.89 14.31 -23.90
N ILE B 121 -4.61 13.23 -24.18
CA ILE B 121 -6.04 13.37 -24.42
C ILE B 121 -6.68 13.73 -23.09
N HIS B 122 -7.42 14.85 -23.05
CA HIS B 122 -7.88 15.37 -21.77
C HIS B 122 -9.02 14.53 -21.19
N TRP B 123 -9.95 14.07 -22.02
CA TRP B 123 -11.07 13.24 -21.60
C TRP B 123 -11.38 12.23 -22.70
N PRO B 124 -11.92 11.07 -22.36
CA PRO B 124 -12.48 10.16 -23.38
C PRO B 124 -13.85 10.63 -23.85
N PHE B 125 -13.88 11.80 -24.47
CA PHE B 125 -15.14 12.45 -24.83
C PHE B 125 -14.88 13.50 -25.90
N ARG B 126 -15.88 13.74 -26.75
CA ARG B 126 -15.68 14.53 -27.95
C ARG B 126 -16.89 15.41 -28.25
N VAL B 127 -16.63 16.67 -28.62
CA VAL B 127 -17.67 17.58 -29.11
C VAL B 127 -17.17 18.21 -30.42
N LYS B 128 -18.10 18.82 -31.16
CA LYS B 128 -17.73 19.53 -32.38
C LYS B 128 -16.69 20.60 -32.10
N LYS B 129 -15.80 20.81 -33.06
CA LYS B 129 -14.71 21.77 -32.87
C LYS B 129 -15.27 23.15 -32.52
N GLY B 130 -14.68 23.78 -31.50
CA GLY B 130 -15.06 25.12 -31.10
C GLY B 130 -16.35 25.25 -30.33
N THR B 131 -16.95 24.15 -29.88
CA THR B 131 -18.23 24.19 -29.18
C THR B 131 -18.07 23.76 -27.73
N ASN B 132 -19.10 24.04 -26.94
CA ASN B 132 -19.09 23.74 -25.52
C ASN B 132 -19.77 22.39 -25.27
N THR B 133 -19.79 21.98 -24.00
CA THR B 133 -20.29 20.65 -23.65
C THR B 133 -21.79 20.70 -23.45
N SER B 134 -22.52 20.57 -24.53
CA SER B 134 -23.97 20.53 -24.53
C SER B 134 -24.38 19.43 -25.49
N PRO B 135 -25.51 18.77 -25.22
CA PRO B 135 -25.87 17.58 -26.01
C PRO B 135 -25.86 17.79 -27.52
N GLU B 136 -26.30 18.94 -28.01
CA GLU B 136 -26.32 19.18 -29.45
C GLU B 136 -24.93 19.11 -30.07
N ASN B 137 -23.88 19.24 -29.24
CA ASN B 137 -22.51 19.29 -29.74
C ASN B 137 -21.77 17.97 -29.61
N PHE B 138 -22.36 16.97 -28.97
CA PHE B 138 -21.70 15.68 -28.75
C PHE B 138 -21.42 15.01 -30.08
N ILE B 139 -20.24 14.38 -30.18
CA ILE B 139 -19.92 13.48 -31.28
C ILE B 139 -19.38 12.21 -30.65
N THR B 140 -19.86 11.07 -31.10
CA THR B 140 -19.37 9.81 -30.56
C THR B 140 -17.84 9.77 -30.65
N PRO B 141 -17.14 9.47 -29.55
CA PRO B 141 -15.68 9.41 -29.61
C PRO B 141 -15.21 8.30 -30.54
N ASP B 142 -14.05 8.50 -31.13
CA ASP B 142 -13.30 7.43 -31.81
C ASP B 142 -11.88 7.57 -31.25
N ILE B 143 -11.69 7.05 -30.05
CA ILE B 143 -10.40 7.18 -29.38
C ILE B 143 -9.27 6.56 -30.20
N PRO B 144 -9.40 5.34 -30.76
CA PRO B 144 -8.28 4.83 -31.57
C PRO B 144 -7.88 5.76 -32.70
N ALA B 145 -8.84 6.40 -33.36
CA ALA B 145 -8.49 7.31 -34.45
C ALA B 145 -7.82 8.57 -33.92
N THR B 146 -8.35 9.12 -32.83
CA THR B 146 -7.69 10.24 -32.20
C THR B 146 -6.29 9.85 -31.77
N TRP B 147 -6.15 8.65 -31.22
CA TRP B 147 -4.83 8.22 -30.77
C TRP B 147 -3.87 8.09 -31.94
N GLY B 148 -4.35 7.59 -33.08
CA GLY B 148 -3.50 7.50 -34.26
C GLY B 148 -2.94 8.84 -34.65
N ALA B 149 -3.74 9.91 -34.52
CA ALA B 149 -3.23 11.24 -34.81
C ALA B 149 -2.24 11.69 -33.74
N MET B 150 -2.49 11.34 -32.47
CA MET B 150 -1.49 11.62 -31.43
C MET B 150 -0.18 10.92 -31.75
N GLU B 151 -0.25 9.68 -32.25
CA GLU B 151 0.96 8.94 -32.59
C GLU B 151 1.75 9.64 -33.69
N LYS B 152 1.07 10.26 -34.66
CA LYS B 152 1.79 11.02 -35.68
C LYS B 152 2.53 12.23 -35.07
N CYS B 153 1.90 12.91 -34.10
CA CYS B 153 2.58 14.00 -33.40
C CYS B 153 3.81 13.49 -32.67
N TYR B 154 3.71 12.29 -32.09
CA TYR B 154 4.84 11.66 -31.42
C TYR B 154 5.94 11.32 -32.43
N ASP B 155 5.57 10.68 -33.56
CA ASP B 155 6.54 10.36 -34.60
C ASP B 155 7.28 11.60 -35.07
N ALA B 156 6.60 12.74 -35.11
CA ALA B 156 7.21 13.98 -35.61
C ALA B 156 8.02 14.70 -34.55
N GLY B 157 8.05 14.21 -33.30
CA GLY B 157 8.84 14.82 -32.26
C GLY B 157 8.22 16.04 -31.62
N LYS B 158 6.99 16.41 -32.00
CA LYS B 158 6.31 17.56 -31.41
C LYS B 158 5.81 17.25 -30.01
N ALA B 159 5.50 15.98 -29.73
CA ALA B 159 5.20 15.51 -28.37
C ALA B 159 6.15 14.36 -28.08
N ARG B 160 7.04 14.54 -27.11
CA ARG B 160 8.05 13.51 -26.87
C ARG B 160 7.45 12.29 -26.20
N ALA B 161 6.29 12.45 -25.56
CA ALA B 161 5.52 11.35 -25.03
C ALA B 161 4.06 11.72 -25.19
N ILE B 162 3.21 10.72 -25.36
CA ILE B 162 1.79 10.95 -25.47
C ILE B 162 1.07 10.11 -24.43
N GLY B 163 -0.08 10.58 -23.98
CA GLY B 163 -0.82 9.85 -22.98
C GLY B 163 -2.27 10.29 -22.91
N VAL B 164 -2.92 9.95 -21.80
CA VAL B 164 -4.34 10.20 -21.61
C VAL B 164 -4.59 10.73 -20.21
N SER B 165 -5.81 11.19 -19.99
CA SER B 165 -6.23 11.70 -18.70
C SER B 165 -7.67 11.26 -18.50
N ASN B 166 -8.01 10.93 -17.26
CA ASN B 166 -9.37 10.54 -16.90
C ASN B 166 -9.82 9.27 -17.60
N PHE B 167 -8.89 8.34 -17.88
CA PHE B 167 -9.23 7.03 -18.45
C PHE B 167 -9.29 5.98 -17.35
N SER B 168 -10.41 5.26 -17.26
CA SER B 168 -10.54 4.12 -16.33
C SER B 168 -9.54 3.04 -16.72
N SER B 169 -9.35 2.06 -15.81
CA SER B 169 -8.49 0.93 -16.17
C SER B 169 -8.99 0.27 -17.44
N LYS B 170 -10.31 0.13 -17.56
CA LYS B 170 -10.88 -0.54 -18.74
C LYS B 170 -10.58 0.25 -20.00
N LYS B 171 -10.76 1.58 -19.96
CA LYS B 171 -10.54 2.39 -21.15
C LYS B 171 -9.05 2.47 -21.48
N LEU B 172 -8.19 2.56 -20.46
CA LEU B 172 -6.75 2.52 -20.69
C LEU B 172 -6.34 1.19 -21.31
N GLY B 173 -6.88 0.09 -20.78
CA GLY B 173 -6.59 -1.21 -21.37
C GLY B 173 -7.09 -1.34 -22.80
N ASP B 174 -8.29 -0.84 -23.07
CA ASP B 174 -8.83 -0.89 -24.43
C ASP B 174 -7.93 -0.13 -25.41
N LEU B 175 -7.36 1.00 -24.96
CA LEU B 175 -6.47 1.77 -25.83
C LEU B 175 -5.12 1.06 -25.98
N LEU B 176 -4.57 0.56 -24.87
CA LEU B 176 -3.32 -0.19 -24.95
C LEU B 176 -3.42 -1.37 -25.92
N ALA B 177 -4.57 -2.01 -26.01
CA ALA B 177 -4.66 -3.19 -26.88
C ALA B 177 -4.57 -2.86 -28.37
N VAL B 178 -4.93 -1.63 -28.78
CA VAL B 178 -4.86 -1.27 -30.20
C VAL B 178 -3.69 -0.36 -30.55
N ALA B 179 -3.02 0.23 -29.56
CA ALA B 179 -2.06 1.30 -29.83
C ALA B 179 -0.73 0.78 -30.38
N ARG B 180 -0.17 1.53 -31.32
CA ARG B 180 1.23 1.29 -31.73
C ARG B 180 2.18 1.87 -30.70
N VAL B 181 1.97 3.14 -30.32
CA VAL B 181 2.70 3.80 -29.25
C VAL B 181 1.85 3.73 -27.99
N HIS B 182 2.40 3.13 -26.93
CA HIS B 182 1.63 3.00 -25.70
C HIS B 182 1.46 4.36 -25.04
N PRO B 183 0.27 4.65 -24.51
CA PRO B 183 0.15 5.84 -23.64
C PRO B 183 1.21 5.76 -22.56
N ALA B 184 1.92 6.87 -22.36
CA ALA B 184 2.98 6.89 -21.37
C ALA B 184 2.46 7.21 -19.98
N VAL B 185 1.32 7.90 -19.89
CA VAL B 185 0.78 8.49 -18.68
C VAL B 185 -0.74 8.37 -18.74
N ASP B 186 -1.36 8.10 -17.59
CA ASP B 186 -2.78 8.32 -17.37
C ASP B 186 -2.87 9.27 -16.18
N GLN B 187 -3.28 10.51 -16.44
CA GLN B 187 -3.34 11.54 -15.40
C GLN B 187 -4.77 11.58 -14.87
N VAL B 188 -4.91 11.37 -13.56
CA VAL B 188 -6.22 11.17 -12.95
C VAL B 188 -6.23 11.83 -11.58
N GLU B 189 -7.43 12.10 -11.10
CA GLU B 189 -7.60 12.48 -9.70
C GLU B 189 -7.10 11.36 -8.81
N CYS B 190 -6.16 11.68 -7.92
CA CYS B 190 -5.63 10.68 -7.00
C CYS B 190 -5.09 11.39 -5.77
N HIS B 191 -5.58 11.02 -4.61
CA HIS B 191 -5.23 11.64 -3.34
C HIS B 191 -5.72 10.73 -2.22
N PRO B 192 -5.42 11.01 -0.95
CA PRO B 192 -5.83 10.06 0.10
C PRO B 192 -7.33 9.81 0.18
N GLY B 193 -8.16 10.75 -0.30
CA GLY B 193 -9.59 10.52 -0.35
C GLY B 193 -10.07 9.78 -1.58
N TRP B 194 -9.18 9.53 -2.53
CA TRP B 194 -9.54 8.81 -3.75
C TRP B 194 -8.28 8.12 -4.26
N GLN B 195 -8.00 6.92 -3.73
CA GLN B 195 -6.67 6.35 -3.81
C GLN B 195 -6.40 5.57 -5.08
N GLN B 196 -7.43 5.25 -5.87
CA GLN B 196 -7.28 4.68 -7.21
C GLN B 196 -6.50 3.36 -7.19
N THR B 197 -6.79 2.50 -6.22
CA THR B 197 -6.00 1.27 -6.11
C THR B 197 -6.12 0.40 -7.36
N LYS B 198 -7.33 0.27 -7.90
CA LYS B 198 -7.52 -0.56 -9.08
C LYS B 198 -6.69 -0.04 -10.25
N LEU B 199 -6.79 1.26 -10.54
CA LEU B 199 -6.04 1.82 -11.66
C LEU B 199 -4.55 1.84 -11.37
N HIS B 200 -4.18 2.08 -10.12
CA HIS B 200 -2.77 2.04 -9.72
C HIS B 200 -2.17 0.67 -10.02
N ASN B 201 -2.87 -0.40 -9.62
CA ASN B 201 -2.41 -1.74 -9.96
C ASN B 201 -2.35 -1.96 -11.46
N PHE B 202 -3.37 -1.50 -12.18
CA PHE B 202 -3.42 -1.73 -13.63
C PHE B 202 -2.28 -1.02 -14.34
N CYS B 203 -1.99 0.22 -13.92
CA CYS B 203 -0.90 0.99 -14.51
C CYS B 203 0.44 0.30 -14.27
N GLN B 204 0.66 -0.19 -13.04
CA GLN B 204 1.87 -0.96 -12.77
C GLN B 204 1.98 -2.17 -13.70
N SER B 205 0.86 -2.85 -13.94
CA SER B 205 0.85 -4.06 -14.76
C SER B 205 1.16 -3.78 -16.22
N THR B 206 0.91 -2.55 -16.68
CA THR B 206 1.04 -2.19 -18.08
C THR B 206 2.20 -1.22 -18.36
N GLY B 207 2.93 -0.78 -17.34
CA GLY B 207 4.01 0.16 -17.59
C GLY B 207 3.56 1.58 -17.87
N VAL B 208 2.31 1.93 -17.60
CA VAL B 208 1.82 3.30 -17.74
C VAL B 208 2.06 4.05 -16.45
N HIS B 209 2.54 5.29 -16.54
CA HIS B 209 2.75 6.10 -15.37
C HIS B 209 1.46 6.81 -14.94
N LEU B 210 1.23 6.87 -13.62
CA LEU B 210 0.04 7.54 -13.10
C LEU B 210 0.46 8.88 -12.52
N THR B 211 -0.04 9.97 -13.10
CA THR B 211 0.13 11.31 -12.54
C THR B 211 -1.13 11.68 -11.80
N ALA B 212 -0.98 12.09 -10.54
CA ALA B 212 -2.11 12.47 -9.68
C ALA B 212 -2.43 13.95 -9.88
N TYR B 213 -3.61 14.25 -10.41
CA TYR B 213 -4.03 15.63 -10.28
C TYR B 213 -4.91 15.75 -9.04
N SER B 214 -5.16 16.98 -8.64
CA SER B 214 -5.79 17.30 -7.35
C SER B 214 -5.20 16.46 -6.21
N PRO B 215 -3.87 16.38 -6.09
CA PRO B 215 -3.27 15.51 -5.08
C PRO B 215 -3.53 15.94 -3.65
N LEU B 216 -4.02 17.16 -3.43
CA LEU B 216 -4.42 17.61 -2.11
C LEU B 216 -5.92 17.56 -1.91
N GLY B 217 -6.65 16.97 -2.86
CA GLY B 217 -8.09 16.89 -2.73
C GLY B 217 -8.80 18.19 -3.04
N SER B 218 -8.13 19.11 -3.74
CA SER B 218 -8.73 20.37 -4.18
C SER B 218 -9.31 21.14 -2.99
N PRO B 219 -8.47 21.73 -2.15
CA PRO B 219 -8.99 22.57 -1.05
C PRO B 219 -9.96 23.64 -1.52
N GLY B 220 -9.53 24.49 -2.44
CA GLY B 220 -10.33 25.59 -2.97
C GLY B 220 -11.83 25.40 -3.14
N GLY B 226 -13.21 18.54 -1.15
CA GLY B 226 -12.06 18.89 -0.34
C GLY B 226 -11.92 18.07 0.94
N ASN B 227 -11.46 18.73 2.00
CA ASN B 227 -11.36 18.17 3.35
C ASN B 227 -10.41 16.99 3.48
N VAL B 228 -9.60 16.70 2.44
CA VAL B 228 -8.60 15.65 2.58
C VAL B 228 -7.56 16.05 3.62
N LEU B 229 -7.12 17.30 3.59
CA LEU B 229 -6.11 17.76 4.52
C LEU B 229 -6.62 17.85 5.95
N LYS B 230 -7.93 17.79 6.17
CA LYS B 230 -8.51 17.77 7.51
C LYS B 230 -8.90 16.38 7.97
N GLU B 231 -8.53 15.34 7.22
CA GLU B 231 -8.83 13.99 7.68
C GLU B 231 -8.01 13.69 8.93
N PRO B 232 -8.63 13.13 9.98
CA PRO B 232 -7.86 12.80 11.19
C PRO B 232 -6.64 11.94 10.93
N VAL B 233 -6.75 10.93 10.06
CA VAL B 233 -5.58 10.10 9.76
C VAL B 233 -4.44 10.96 9.24
N ILE B 234 -4.72 11.87 8.31
CA ILE B 234 -3.67 12.72 7.76
C ILE B 234 -3.11 13.65 8.82
N ILE B 235 -3.97 14.28 9.61
CA ILE B 235 -3.49 15.19 10.64
C ILE B 235 -2.59 14.45 11.62
N SER B 236 -3.00 13.26 12.03
CA SER B 236 -2.22 12.49 12.99
C SER B 236 -0.87 12.07 12.40
N ILE B 237 -0.87 11.57 11.17
CA ILE B 237 0.41 11.21 10.54
C ILE B 237 1.31 12.43 10.43
N ALA B 238 0.74 13.58 10.06
CA ALA B 238 1.52 14.79 9.91
C ALA B 238 2.19 15.19 11.22
N GLU B 239 1.44 15.15 12.32
CA GLU B 239 2.03 15.42 13.63
C GLU B 239 3.16 14.44 13.93
N LYS B 240 2.92 13.14 13.70
CA LYS B 240 3.92 12.14 14.04
C LYS B 240 5.18 12.28 13.19
N LEU B 241 5.06 12.74 11.95
CA LEU B 241 6.21 12.83 11.07
C LEU B 241 6.87 14.20 11.07
N GLY B 242 6.28 15.19 11.75
CA GLY B 242 6.87 16.52 11.76
C GLY B 242 6.73 17.25 10.44
N LYS B 243 5.65 16.99 9.70
CA LYS B 243 5.42 17.58 8.40
C LYS B 243 4.00 18.13 8.35
N THR B 244 3.71 18.92 7.31
CA THR B 244 2.36 19.43 7.14
C THR B 244 1.43 18.37 6.57
N PRO B 245 0.12 18.49 6.79
CA PRO B 245 -0.82 17.56 6.15
C PRO B 245 -0.67 17.51 4.63
N ALA B 246 -0.39 18.65 3.99
CA ALA B 246 -0.18 18.64 2.55
C ALA B 246 1.04 17.82 2.18
N GLN B 247 2.14 17.98 2.90
CA GLN B 247 3.34 17.19 2.62
C GLN B 247 3.07 15.70 2.78
N VAL B 248 2.29 15.32 3.80
CA VAL B 248 1.92 13.93 4.00
C VAL B 248 1.11 13.42 2.80
N ALA B 249 0.14 14.22 2.35
CA ALA B 249 -0.68 13.81 1.21
C ALA B 249 0.17 13.62 -0.03
N LEU B 250 1.06 14.58 -0.29
CA LEU B 250 1.92 14.48 -1.47
C LEU B 250 2.90 13.31 -1.35
N ARG B 251 3.50 13.14 -0.17
CA ARG B 251 4.43 12.03 0.03
C ARG B 251 3.74 10.69 -0.21
N TRP B 252 2.47 10.56 0.20
CA TRP B 252 1.76 9.31 -0.02
C TRP B 252 1.74 8.93 -1.50
N ASN B 253 1.38 9.88 -2.36
CA ASN B 253 1.31 9.59 -3.80
C ASN B 253 2.69 9.25 -4.35
N ILE B 254 3.71 10.00 -3.95
CA ILE B 254 5.05 9.75 -4.44
C ILE B 254 5.54 8.39 -3.95
N GLN B 255 5.19 8.02 -2.73
CA GLN B 255 5.62 6.72 -2.21
C GLN B 255 4.90 5.58 -2.89
N MET B 256 3.71 5.83 -3.45
CA MET B 256 3.00 4.86 -4.27
C MET B 256 3.50 4.82 -5.71
N GLY B 257 4.46 5.67 -6.06
CA GLY B 257 5.04 5.67 -7.38
C GLY B 257 4.38 6.62 -8.37
N HIS B 258 3.62 7.59 -7.90
CA HIS B 258 2.89 8.53 -8.75
C HIS B 258 3.52 9.93 -8.69
N SER B 259 3.57 10.61 -9.84
CA SER B 259 3.83 12.03 -9.81
C SER B 259 2.59 12.77 -9.28
N VAL B 260 2.81 14.01 -8.82
CA VAL B 260 1.74 14.83 -8.25
C VAL B 260 1.80 16.23 -8.86
N LEU B 261 0.64 16.87 -8.94
CA LEU B 261 0.52 18.20 -9.53
C LEU B 261 -0.23 19.15 -8.59
N PRO B 262 0.36 19.50 -7.45
CA PRO B 262 -0.31 20.46 -6.55
C PRO B 262 -0.48 21.82 -7.22
N LYS B 263 -1.59 22.49 -6.91
CA LYS B 263 -1.92 23.78 -7.51
C LYS B 263 -1.52 24.99 -6.66
N SER B 264 -0.81 24.80 -5.56
CA SER B 264 -0.43 25.92 -4.68
C SER B 264 0.21 27.08 -5.44
N THR B 265 -0.28 28.30 -5.18
CA THR B 265 0.34 29.54 -5.65
C THR B 265 1.18 30.26 -4.60
N ASN B 266 0.96 30.00 -3.31
CA ASN B 266 1.73 30.70 -2.28
C ASN B 266 3.17 30.24 -2.30
N GLU B 267 4.10 31.19 -2.25
CA GLU B 267 5.52 30.83 -2.40
C GLU B 267 5.98 29.85 -1.32
N GLU B 268 5.51 30.02 -0.08
CA GLU B 268 5.99 29.14 0.98
C GLU B 268 5.45 27.72 0.82
N ARG B 269 4.16 27.59 0.47
CA ARG B 269 3.60 26.27 0.27
C ARG B 269 4.18 25.59 -0.97
N ILE B 270 4.48 26.39 -2.00
CA ILE B 270 5.16 25.86 -3.18
C ILE B 270 6.48 25.20 -2.80
N LYS B 271 7.28 25.88 -1.96
CA LYS B 271 8.55 25.31 -1.55
C LYS B 271 8.36 24.11 -0.63
N GLN B 272 7.33 24.14 0.22
CA GLN B 272 7.07 23.01 1.10
C GLN B 272 6.69 21.77 0.30
N ASN B 273 6.04 21.97 -0.85
CA ASN B 273 5.63 20.84 -1.68
C ASN B 273 6.81 20.06 -2.24
N LEU B 274 7.99 20.67 -2.30
CA LEU B 274 9.18 19.97 -2.76
C LEU B 274 9.87 19.17 -1.67
N ASP B 275 9.50 19.38 -0.40
CA ASP B 275 10.08 18.60 0.69
C ASP B 275 9.27 17.32 0.90
N VAL B 276 9.42 16.40 -0.05
CA VAL B 276 8.64 15.16 -0.01
C VAL B 276 9.52 13.96 -0.33
N TYR B 277 10.83 14.11 -0.14
CA TYR B 277 11.78 13.13 -0.65
C TYR B 277 12.70 12.53 0.42
N ASP B 278 13.14 13.34 1.37
CA ASP B 278 14.16 12.92 2.33
C ASP B 278 13.58 12.32 3.60
N TRP B 279 12.29 12.00 3.57
CA TRP B 279 11.62 11.34 4.67
C TRP B 279 10.57 10.43 4.06
N SER B 280 9.86 9.69 4.89
CA SER B 280 8.94 8.72 4.34
C SER B 280 7.80 8.49 5.31
N ILE B 281 6.77 7.83 4.82
CA ILE B 281 5.65 7.38 5.64
C ILE B 281 5.95 5.94 6.04
N PRO B 282 6.03 5.63 7.33
CA PRO B 282 6.37 4.26 7.74
C PRO B 282 5.25 3.28 7.42
N ASP B 283 5.61 2.00 7.39
CA ASP B 283 4.68 0.99 6.89
C ASP B 283 3.42 0.91 7.72
N ASP B 284 3.52 1.11 9.04
CA ASP B 284 2.32 1.03 9.87
C ASP B 284 1.39 2.22 9.64
N LEU B 285 1.93 3.43 9.50
CA LEU B 285 1.07 4.58 9.23
C LEU B 285 0.49 4.52 7.82
N LEU B 286 1.27 4.01 6.86
CA LEU B 286 0.78 3.80 5.51
C LEU B 286 -0.47 2.94 5.50
N ALA B 287 -0.49 1.89 6.32
CA ALA B 287 -1.64 1.00 6.38
C ALA B 287 -2.90 1.73 6.82
N LYS B 288 -2.75 2.79 7.61
CA LYS B 288 -3.91 3.52 8.09
C LYS B 288 -4.58 4.37 7.01
N PHE B 289 -3.95 4.55 5.85
CA PHE B 289 -4.62 5.26 4.77
C PHE B 289 -5.87 4.52 4.33
N SER B 290 -5.91 3.20 4.55
CA SER B 290 -7.10 2.40 4.29
C SER B 290 -8.33 2.88 5.06
N GLU B 291 -8.14 3.65 6.11
CA GLU B 291 -9.28 4.06 6.92
C GLU B 291 -9.96 5.32 6.42
N ILE B 292 -9.35 6.02 5.46
CA ILE B 292 -9.91 7.27 4.95
C ILE B 292 -11.07 6.95 4.02
N LYS B 293 -12.21 7.59 4.27
CA LYS B 293 -13.38 7.40 3.41
C LYS B 293 -13.04 7.80 1.98
N GLN B 294 -13.57 7.05 1.03
CA GLN B 294 -13.23 7.20 -0.38
C GLN B 294 -14.39 7.86 -1.11
N ALA B 295 -14.08 8.91 -1.88
CA ALA B 295 -15.10 9.58 -2.67
C ALA B 295 -14.43 10.34 -3.80
N ARG B 296 -14.89 10.09 -5.03
CA ARG B 296 -14.37 10.80 -6.20
C ARG B 296 -14.91 12.23 -6.21
N LEU B 297 -13.99 13.21 -6.29
CA LEU B 297 -14.38 14.62 -6.25
C LEU B 297 -14.68 15.20 -7.62
N LEU B 298 -13.91 14.84 -8.65
CA LEU B 298 -14.19 15.34 -10.01
C LEU B 298 -14.97 14.23 -10.69
N ARG B 299 -16.30 14.35 -10.68
CA ARG B 299 -17.10 13.20 -11.02
C ARG B 299 -17.45 13.10 -12.50
N GLY B 300 -17.13 14.11 -13.29
CA GLY B 300 -17.41 14.05 -14.72
C GLY B 300 -18.86 14.29 -15.06
N ASN B 301 -19.59 15.03 -14.22
CA ASN B 301 -21.00 15.26 -14.46
C ASN B 301 -21.27 15.87 -15.82
N PHE B 302 -20.33 16.67 -16.32
CA PHE B 302 -20.59 17.40 -17.55
C PHE B 302 -20.70 16.49 -18.77
N ILE B 303 -20.27 15.23 -18.69
CA ILE B 303 -20.35 14.34 -19.84
C ILE B 303 -21.19 13.10 -19.58
N VAL B 304 -21.93 13.08 -18.48
CA VAL B 304 -22.93 12.04 -18.19
C VAL B 304 -24.30 12.63 -18.53
N ASN B 305 -25.01 12.01 -19.47
CA ASN B 305 -26.17 12.62 -20.13
C ASN B 305 -26.92 11.57 -20.92
N PRO B 306 -28.25 11.67 -21.05
CA PRO B 306 -28.97 10.68 -21.87
C PRO B 306 -28.50 10.63 -23.30
N GLN B 307 -27.92 11.72 -23.81
CA GLN B 307 -27.42 11.77 -25.18
C GLN B 307 -25.93 11.47 -25.27
N SER B 308 -25.26 11.26 -24.15
CA SER B 308 -23.82 10.97 -24.16
C SER B 308 -23.61 9.48 -24.38
N VAL B 309 -22.39 9.12 -24.83
CA VAL B 309 -22.03 7.71 -24.81
C VAL B 309 -22.01 7.18 -23.38
N TYR B 310 -21.92 8.08 -22.40
CA TYR B 310 -21.92 7.73 -20.98
C TYR B 310 -23.26 8.15 -20.39
N LYS B 311 -24.21 7.20 -20.31
CA LYS B 311 -25.49 7.49 -19.68
C LYS B 311 -25.40 7.52 -18.16
N THR B 312 -24.39 6.88 -17.58
CA THR B 312 -24.22 6.84 -16.13
C THR B 312 -22.77 7.16 -15.79
N HIS B 313 -22.58 7.63 -14.56
CA HIS B 313 -21.23 7.83 -14.05
C HIS B 313 -20.46 6.52 -14.03
N GLU B 314 -21.15 5.41 -13.77
CA GLU B 314 -20.48 4.12 -13.76
C GLU B 314 -19.96 3.76 -15.14
N GLU B 315 -20.65 4.18 -16.20
CA GLU B 315 -20.17 3.91 -17.56
C GLU B 315 -18.93 4.72 -17.88
N LEU B 316 -18.91 5.98 -17.44
CA LEU B 316 -17.72 6.82 -17.66
C LEU B 316 -16.50 6.22 -16.97
N TRP B 317 -16.63 5.88 -15.70
CA TRP B 317 -15.50 5.44 -14.89
C TRP B 317 -15.34 3.92 -14.85
N ASP B 318 -16.16 3.18 -15.58
CA ASP B 318 -16.13 1.71 -15.64
C ASP B 318 -16.07 1.07 -14.25
N GLY B 319 -16.99 1.50 -13.38
CA GLY B 319 -17.11 0.93 -12.07
C GLY B 319 -16.23 1.56 -11.02
N GLU B 320 -15.23 2.34 -11.43
CA GLU B 320 -14.30 2.96 -10.47
C GLU B 320 -14.96 4.20 -9.88
N LEU B 321 -15.82 3.95 -8.91
CA LEU B 321 -16.66 4.98 -8.30
C LEU B 321 -17.13 4.52 -6.93
CO CO C . 1.65 -2.81 -27.58
S SO4 D . -2.28 28.13 -2.10
O1 SO4 D . -2.74 28.33 -3.48
O2 SO4 D . -2.65 29.30 -1.30
O3 SO4 D . -2.91 26.94 -1.53
O4 SO4 D . -0.83 27.97 -2.10
#